data_4HJX
#
_entry.id   4HJX
#
_cell.length_a   101.307
_cell.length_b   101.307
_cell.length_c   71.779
_cell.angle_alpha   90.00
_cell.angle_beta   90.00
_cell.angle_gamma   90.00
#
_symmetry.space_group_name_H-M   'P 43'
#
loop_
_entity.id
_entity.type
_entity.pdbx_description
1 polymer 'Tyrosine-tRNA ligase'
2 non-polymer 3,5-difluoro-L-tyrosine
3 water water
#
_entity_poly.entity_id   1
_entity_poly.type   'polypeptide(L)'
_entity_poly.pdbx_seq_one_letter_code
;MDEFEMIKRNTSEIISEEELREVLKKDEKSARIGFEPSGKIHLGHYLQIKKMIDLQNAGFDIIIYLADLGAYLNQKGELD
EIRKIGDYNKKVFEAMGLKAKYVYGSENCLDKDYTLNVYRLALKTTLKRARRSMELIAREDENPKVAEVIYPIMQVNNIH
YSGVDVAVGGMEQRKIHMLARELLPKKVVCIHNPVLTGLDGEGKMSSSKGNFIAVDDSPEEIRAKIKKAYCPAGVVEGNP
IMEIAKYFLEYPLTIKRPEKFGGDLTVNSYEELESLFKNKELHPMDLKNAVAEELIKILEPIRKRLLEHHHHHH
;
_entity_poly.pdbx_strand_id   A,B
#
# COMPACT_ATOMS: atom_id res chain seq x y z
N MET A 1 -32.61 1.84 33.42
CA MET A 1 -31.96 1.92 32.11
C MET A 1 -31.86 0.53 31.50
N ASP A 2 -30.67 0.20 30.97
CA ASP A 2 -30.42 -1.08 30.31
C ASP A 2 -28.95 -1.16 29.94
N GLU A 3 -28.45 -2.38 29.71
CA GLU A 3 -27.09 -2.56 29.24
C GLU A 3 -26.95 -2.03 27.82
N PHE A 4 -27.97 -2.26 27.00
CA PHE A 4 -27.98 -1.77 25.63
C PHE A 4 -28.08 -0.25 25.61
N GLU A 5 -28.97 0.30 26.43
CA GLU A 5 -29.19 1.74 26.47
C GLU A 5 -27.98 2.49 27.03
N MET A 6 -27.31 1.90 28.01
CA MET A 6 -26.12 2.49 28.60
C MET A 6 -25.01 2.61 27.57
N ILE A 7 -24.84 1.54 26.78
CA ILE A 7 -23.84 1.51 25.73
C ILE A 7 -24.17 2.49 24.62
N LYS A 8 -25.45 2.55 24.25
CA LYS A 8 -25.90 3.42 23.17
C LYS A 8 -25.86 4.89 23.57
N ARG A 9 -25.88 5.15 24.88
CA ARG A 9 -25.92 6.52 25.39
C ARG A 9 -24.75 7.37 24.89
N ASN A 10 -25.08 8.54 24.33
CA ASN A 10 -24.10 9.47 23.80
C ASN A 10 -23.22 8.89 22.68
N THR A 11 -23.83 8.08 21.82
CA THR A 11 -23.14 7.56 20.64
C THR A 11 -23.77 8.14 19.38
N SER A 12 -22.99 8.22 18.31
CA SER A 12 -23.52 8.71 17.04
C SER A 12 -24.25 7.61 16.28
N GLU A 13 -23.68 6.41 16.29
CA GLU A 13 -24.27 5.28 15.59
C GLU A 13 -23.78 3.94 16.13
N ILE A 14 -24.58 2.90 15.90
CA ILE A 14 -24.21 1.54 16.24
C ILE A 14 -24.50 0.64 15.04
N ILE A 15 -23.49 -0.08 14.57
CA ILE A 15 -23.62 -0.89 13.37
C ILE A 15 -23.39 -2.37 13.65
N SER A 16 -24.46 -3.11 13.93
CA SER A 16 -25.80 -2.54 14.04
C SER A 16 -26.37 -2.82 15.42
N GLU A 17 -27.52 -2.23 15.72
CA GLU A 17 -28.14 -2.40 17.03
C GLU A 17 -28.59 -3.85 17.28
N GLU A 18 -29.14 -4.47 16.25
CA GLU A 18 -29.57 -5.86 16.36
C GLU A 18 -28.39 -6.80 16.54
N GLU A 19 -27.28 -6.47 15.90
CA GLU A 19 -26.05 -7.25 16.05
C GLU A 19 -25.48 -7.07 17.46
N LEU A 20 -25.65 -5.87 18.01
CA LEU A 20 -25.19 -5.58 19.36
C LEU A 20 -25.95 -6.43 20.37
N ARG A 21 -27.27 -6.51 20.19
CA ARG A 21 -28.11 -7.29 21.10
C ARG A 21 -27.77 -8.76 21.07
N GLU A 22 -27.31 -9.24 19.91
CA GLU A 22 -26.94 -10.65 19.76
C GLU A 22 -25.58 -10.90 20.41
N VAL A 23 -24.81 -9.84 20.60
CA VAL A 23 -23.50 -9.94 21.26
C VAL A 23 -23.66 -9.89 22.78
N LEU A 24 -24.61 -9.09 23.24
CA LEU A 24 -24.86 -8.94 24.68
C LEU A 24 -25.32 -10.24 25.33
N LYS A 25 -25.80 -11.18 24.51
CA LYS A 25 -26.25 -12.47 25.02
C LYS A 25 -25.08 -13.34 25.45
N LYS A 26 -23.89 -13.04 24.92
CA LYS A 26 -22.69 -13.81 25.22
C LYS A 26 -22.17 -13.51 26.63
N ASP A 27 -21.59 -14.53 27.27
CA ASP A 27 -20.97 -14.36 28.58
C ASP A 27 -19.57 -13.78 28.40
N GLU A 28 -18.86 -14.27 27.41
CA GLU A 28 -17.53 -13.74 27.07
C GLU A 28 -17.61 -12.88 25.81
N LYS A 29 -17.33 -11.60 25.97
CA LYS A 29 -17.41 -10.65 24.86
C LYS A 29 -16.30 -9.60 24.99
N SER A 30 -15.76 -9.20 23.85
CA SER A 30 -14.63 -8.26 23.85
C SER A 30 -14.89 -7.03 22.99
N ALA A 31 -14.42 -5.88 23.49
CA ALA A 31 -14.52 -4.62 22.75
C ALA A 31 -13.14 -4.00 22.64
N ARG A 32 -12.80 -3.52 21.45
CA ARG A 32 -11.45 -3.00 21.22
C ARG A 32 -11.45 -1.63 20.54
N ILE A 33 -10.66 -0.72 21.09
CA ILE A 33 -10.47 0.60 20.49
C ILE A 33 -8.98 0.89 20.33
N GLY A 34 -8.62 1.56 19.25
CA GLY A 34 -7.24 1.89 18.98
C GLY A 34 -6.98 3.38 18.91
N PHE A 35 -5.88 3.82 19.51
CA PHE A 35 -5.50 5.22 19.49
C PHE A 35 -4.10 5.41 18.88
N GLU A 36 -3.95 6.43 18.05
CA GLU A 36 -2.63 6.90 17.67
C GLU A 36 -2.09 7.69 18.85
N PRO A 37 -0.94 7.27 19.40
CA PRO A 37 -0.33 7.90 20.58
C PRO A 37 -0.23 9.41 20.46
N SER A 38 -0.92 10.11 21.35
CA SER A 38 -1.00 11.57 21.32
C SER A 38 -0.20 12.18 22.47
N GLY A 39 0.47 13.29 22.18
CA GLY A 39 1.27 14.00 23.18
C GLY A 39 0.46 14.41 24.39
N LYS A 40 -0.71 15.01 24.13
CA LYS A 40 -1.65 15.34 25.18
C LYS A 40 -2.92 14.53 25.02
N ILE A 41 -3.52 14.13 26.14
CA ILE A 41 -4.78 13.41 26.12
C ILE A 41 -5.93 14.35 26.46
N HIS A 42 -6.80 14.59 25.48
CA HIS A 42 -7.88 15.55 25.65
C HIS A 42 -9.24 14.87 25.85
N LEU A 43 -10.28 15.69 25.90
CA LEU A 43 -11.65 15.20 26.14
C LEU A 43 -12.12 14.23 25.07
N GLY A 44 -11.60 14.39 23.86
CA GLY A 44 -11.93 13.50 22.76
C GLY A 44 -11.55 12.07 23.08
N HIS A 45 -10.42 11.89 23.75
CA HIS A 45 -9.99 10.58 24.20
C HIS A 45 -10.85 10.10 25.36
N TYR A 46 -11.12 11.03 26.29
CA TYR A 46 -11.88 10.72 27.49
C TYR A 46 -13.28 10.20 27.15
N LEU A 47 -13.92 10.81 26.16
CA LEU A 47 -15.24 10.40 25.73
C LEU A 47 -15.24 8.95 25.25
N GLN A 48 -14.20 8.59 24.52
CA GLN A 48 -14.03 7.23 24.03
C GLN A 48 -13.79 6.27 25.20
N ILE A 49 -12.89 6.65 26.09
CA ILE A 49 -12.56 5.83 27.25
C ILE A 49 -13.77 5.61 28.15
N LYS A 50 -14.55 6.67 28.36
CA LYS A 50 -15.79 6.58 29.13
C LYS A 50 -16.74 5.55 28.51
N LYS A 51 -16.79 5.53 27.18
CA LYS A 51 -17.64 4.57 26.47
C LYS A 51 -17.09 3.14 26.62
N MET A 52 -15.78 3.02 26.66
CA MET A 52 -15.14 1.72 26.89
C MET A 52 -15.44 1.22 28.29
N ILE A 53 -15.54 2.16 29.24
CA ILE A 53 -15.88 1.82 30.61
C ILE A 53 -17.33 1.35 30.70
N ASP A 54 -18.19 1.98 29.92
CA ASP A 54 -19.59 1.55 29.85
C ASP A 54 -19.69 0.11 29.37
N LEU A 55 -18.86 -0.22 28.37
CA LEU A 55 -18.80 -1.58 27.85
C LEU A 55 -18.26 -2.54 28.90
N GLN A 56 -17.27 -2.07 29.67
CA GLN A 56 -16.66 -2.88 30.71
C GLN A 56 -17.67 -3.27 31.77
N ASN A 57 -18.52 -2.33 32.14
CA ASN A 57 -19.58 -2.58 33.13
C ASN A 57 -20.66 -3.49 32.57
N ALA A 58 -20.75 -3.57 31.25
CA ALA A 58 -21.75 -4.41 30.60
C ALA A 58 -21.29 -5.85 30.50
N GLY A 59 -20.01 -6.08 30.81
CA GLY A 59 -19.47 -7.44 30.81
C GLY A 59 -18.44 -7.68 29.72
N PHE A 60 -18.08 -6.63 29.00
CA PHE A 60 -17.09 -6.74 27.93
C PHE A 60 -15.66 -6.74 28.44
N ASP A 61 -14.80 -7.50 27.78
CA ASP A 61 -13.37 -7.44 28.04
C ASP A 61 -12.77 -6.35 27.16
N ILE A 62 -12.17 -5.35 27.79
CA ILE A 62 -11.68 -4.18 27.06
C ILE A 62 -10.25 -4.34 26.58
N ILE A 63 -10.04 -4.05 25.30
CA ILE A 63 -8.70 -4.05 24.71
C ILE A 63 -8.34 -2.67 24.19
N ILE A 64 -7.26 -2.10 24.70
CA ILE A 64 -6.80 -0.80 24.24
C ILE A 64 -5.58 -0.96 23.33
N TYR A 65 -5.77 -0.64 22.05
CA TYR A 65 -4.70 -0.79 21.07
C TYR A 65 -3.95 0.52 20.88
N LEU A 66 -2.66 0.51 21.16
CA LEU A 66 -1.83 1.70 20.97
C LEU A 66 -1.15 1.65 19.60
N ALA A 67 -1.82 2.24 18.61
CA ALA A 67 -1.37 2.18 17.23
C ALA A 67 -0.15 3.05 16.97
N ASP A 68 1.03 2.56 17.38
CA ASP A 68 2.27 3.29 17.13
C ASP A 68 2.72 3.12 15.69
N LEU A 69 2.44 1.98 15.09
CA LEU A 69 2.74 1.74 13.68
C LEU A 69 1.84 2.59 12.79
N GLY A 70 0.59 2.74 13.20
CA GLY A 70 -0.36 3.56 12.47
C GLY A 70 0.08 5.00 12.43
N ALA A 71 0.46 5.54 13.59
CA ALA A 71 0.97 6.90 13.67
C ALA A 71 2.24 7.06 12.85
N TYR A 72 3.08 6.03 12.87
CA TYR A 72 4.31 6.02 12.09
C TYR A 72 4.00 6.10 10.59
N LEU A 73 2.99 5.36 10.17
CA LEU A 73 2.57 5.38 8.77
C LEU A 73 1.85 6.68 8.43
N ASN A 74 1.32 7.34 9.45
CA ASN A 74 0.58 8.59 9.26
C ASN A 74 1.49 9.81 9.42
N GLN A 75 2.80 9.58 9.32
CA GLN A 75 3.80 10.64 9.40
C GLN A 75 3.70 11.46 10.68
N LYS A 76 3.82 10.78 11.82
CA LYS A 76 3.74 11.45 13.12
C LYS A 76 5.11 11.52 13.79
N GLY A 77 6.07 10.75 13.30
CA GLY A 77 7.41 10.77 13.83
C GLY A 77 8.12 9.43 13.80
N GLU A 78 9.07 9.24 14.71
CA GLU A 78 9.84 8.00 14.79
C GLU A 78 9.18 6.98 15.70
N LEU A 79 9.41 5.70 15.42
CA LEU A 79 8.77 4.61 16.15
C LEU A 79 8.97 4.65 17.67
N ASP A 80 10.23 4.70 18.11
CA ASP A 80 10.54 4.66 19.53
C ASP A 80 10.00 5.87 20.28
N GLU A 81 9.91 7.01 19.60
CA GLU A 81 9.33 8.22 20.19
C GLU A 81 7.83 8.04 20.37
N ILE A 82 7.17 7.50 19.34
CA ILE A 82 5.74 7.23 19.39
C ILE A 82 5.46 6.16 20.44
N ARG A 83 6.38 5.21 20.58
CA ARG A 83 6.28 4.17 21.60
C ARG A 83 6.26 4.78 23.00
N LYS A 84 7.16 5.73 23.23
CA LYS A 84 7.23 6.47 24.48
C LYS A 84 5.92 7.16 24.78
N ILE A 85 5.39 7.87 23.78
CA ILE A 85 4.12 8.58 23.92
C ILE A 85 2.98 7.61 24.23
N GLY A 86 3.03 6.43 23.61
CA GLY A 86 2.04 5.40 23.85
C GLY A 86 2.04 4.94 25.30
N ASP A 87 3.23 4.83 25.89
CA ASP A 87 3.37 4.46 27.29
C ASP A 87 2.74 5.51 28.20
N TYR A 88 2.97 6.78 27.87
CA TYR A 88 2.39 7.87 28.64
C TYR A 88 0.86 7.86 28.54
N ASN A 89 0.34 7.56 27.35
CA ASN A 89 -1.10 7.48 27.15
C ASN A 89 -1.73 6.33 27.92
N LYS A 90 -1.00 5.24 28.05
CA LYS A 90 -1.46 4.08 28.83
C LYS A 90 -1.65 4.49 30.28
N LYS A 91 -0.69 5.22 30.82
CA LYS A 91 -0.73 5.67 32.21
C LYS A 91 -1.87 6.65 32.43
N VAL A 92 -2.18 7.44 31.40
CA VAL A 92 -3.31 8.37 31.47
C VAL A 92 -4.63 7.61 31.46
N PHE A 93 -4.73 6.60 30.59
CA PHE A 93 -5.93 5.77 30.52
C PHE A 93 -6.16 5.03 31.83
N GLU A 94 -5.06 4.65 32.49
CA GLU A 94 -5.14 4.02 33.80
C GLU A 94 -5.65 5.02 34.84
N ALA A 95 -5.21 6.26 34.71
CA ALA A 95 -5.61 7.32 35.63
C ALA A 95 -7.09 7.67 35.47
N MET A 96 -7.66 7.31 34.32
CA MET A 96 -9.07 7.55 34.05
C MET A 96 -9.97 6.53 34.74
N GLY A 97 -9.35 5.47 35.24
CA GLY A 97 -10.10 4.43 35.93
C GLY A 97 -10.48 3.28 35.01
N LEU A 98 -9.67 3.07 33.97
CA LEU A 98 -9.92 1.98 33.03
C LEU A 98 -8.83 0.92 33.12
N LYS A 99 -9.17 -0.21 33.75
CA LYS A 99 -8.25 -1.34 33.80
C LYS A 99 -8.56 -2.30 32.67
N ALA A 100 -7.65 -2.37 31.71
CA ALA A 100 -7.86 -3.18 30.51
C ALA A 100 -6.54 -3.73 29.99
N LYS A 101 -6.61 -4.46 28.88
CA LYS A 101 -5.41 -4.98 28.23
C LYS A 101 -4.88 -3.99 27.21
N TYR A 102 -3.65 -3.54 27.40
CA TYR A 102 -3.03 -2.57 26.51
C TYR A 102 -2.05 -3.24 25.57
N VAL A 103 -2.36 -3.22 24.28
CA VAL A 103 -1.53 -3.87 23.27
C VAL A 103 -0.93 -2.85 22.30
N TYR A 104 0.38 -2.94 22.10
CA TYR A 104 1.09 -2.06 21.17
C TYR A 104 1.10 -2.66 19.77
N GLY A 105 1.37 -1.82 18.77
CA GLY A 105 1.49 -2.28 17.41
C GLY A 105 2.94 -2.61 17.07
N SER A 106 3.86 -2.13 17.92
CA SER A 106 5.28 -2.36 17.75
C SER A 106 5.60 -3.86 17.73
N GLU A 107 4.96 -4.60 18.63
CA GLU A 107 5.07 -6.05 18.64
C GLU A 107 4.41 -6.61 17.38
N ASN A 108 3.17 -7.08 17.51
CA ASN A 108 2.35 -7.51 16.38
C ASN A 108 2.92 -8.66 15.55
N CYS A 109 4.12 -9.10 15.92
CA CYS A 109 4.84 -10.15 15.20
C CYS A 109 5.11 -9.83 13.72
N LEU A 110 4.08 -9.43 12.99
CA LEU A 110 4.20 -9.15 11.56
C LEU A 110 4.73 -10.36 10.81
N ASP A 111 4.25 -11.53 11.21
CA ASP A 111 4.66 -12.78 10.60
C ASP A 111 4.19 -12.90 9.16
N LYS A 112 4.49 -14.06 8.55
CA LYS A 112 4.17 -14.30 7.15
C LYS A 112 2.67 -14.26 6.90
N ASP A 113 1.90 -14.83 7.82
CA ASP A 113 0.45 -14.92 7.66
C ASP A 113 -0.22 -13.56 7.79
N TYR A 114 0.35 -12.69 8.62
CA TYR A 114 -0.18 -11.35 8.80
C TYR A 114 -0.01 -10.53 7.54
N THR A 115 1.21 -10.48 7.02
CA THR A 115 1.53 -9.73 5.82
C THR A 115 0.79 -10.30 4.61
N LEU A 116 0.60 -11.62 4.61
CA LEU A 116 -0.10 -12.29 3.52
C LEU A 116 -1.55 -11.84 3.48
N ASN A 117 -2.16 -11.71 4.67
CA ASN A 117 -3.54 -11.26 4.77
C ASN A 117 -3.67 -9.79 4.40
N VAL A 118 -2.60 -9.03 4.63
CA VAL A 118 -2.55 -7.63 4.22
C VAL A 118 -2.62 -7.55 2.70
N TYR A 119 -1.86 -8.40 2.03
CA TYR A 119 -1.86 -8.47 0.57
C TYR A 119 -3.25 -8.85 0.07
N ARG A 120 -3.89 -9.80 0.77
CA ARG A 120 -5.20 -10.28 0.39
C ARG A 120 -6.26 -9.18 0.56
N LEU A 121 -6.10 -8.37 1.60
CA LEU A 121 -7.02 -7.27 1.84
C LEU A 121 -6.74 -6.11 0.89
N ALA A 122 -5.48 -5.95 0.52
CA ALA A 122 -5.07 -4.92 -0.43
C ALA A 122 -5.51 -5.30 -1.84
N LEU A 123 -5.77 -6.59 -2.03
CA LEU A 123 -6.17 -7.11 -3.33
C LEU A 123 -7.68 -6.94 -3.53
N LYS A 124 -8.38 -6.66 -2.45
CA LYS A 124 -9.84 -6.50 -2.50
C LYS A 124 -10.27 -5.07 -2.20
N THR A 125 -9.31 -4.22 -1.86
CA THR A 125 -9.60 -2.81 -1.56
C THR A 125 -9.03 -1.90 -2.64
N THR A 126 -9.90 -1.08 -3.22
CA THR A 126 -9.46 -0.13 -4.24
C THR A 126 -8.73 1.04 -3.61
N LEU A 127 -7.91 1.72 -4.40
CA LEU A 127 -7.16 2.89 -3.92
C LEU A 127 -8.12 4.01 -3.54
N LYS A 128 -9.20 4.16 -4.29
CA LYS A 128 -10.18 5.21 -4.03
C LYS A 128 -10.96 4.93 -2.75
N ARG A 129 -11.27 3.67 -2.51
CA ARG A 129 -11.96 3.26 -1.29
C ARG A 129 -11.08 3.51 -0.07
N ALA A 130 -9.79 3.21 -0.22
CA ALA A 130 -8.83 3.36 0.87
C ALA A 130 -8.58 4.82 1.23
N ARG A 131 -8.46 5.67 0.21
CA ARG A 131 -8.20 7.08 0.43
C ARG A 131 -9.38 7.79 1.07
N ARG A 132 -10.59 7.46 0.63
CA ARG A 132 -11.81 8.06 1.16
C ARG A 132 -11.96 7.75 2.65
N SER A 133 -11.51 6.56 3.03
CA SER A 133 -11.59 6.13 4.43
C SER A 133 -10.58 6.86 5.29
N MET A 134 -9.57 7.45 4.65
CA MET A 134 -8.50 8.13 5.37
C MET A 134 -8.68 9.64 5.39
N GLU A 135 -9.75 10.12 4.77
CA GLU A 135 -10.00 11.56 4.66
C GLU A 135 -10.04 12.30 6.00
N LEU A 136 -10.69 11.69 6.98
CA LEU A 136 -10.82 12.31 8.30
C LEU A 136 -9.74 11.82 9.25
N ILE A 137 -8.80 11.03 8.74
CA ILE A 137 -7.76 10.45 9.58
C ILE A 137 -6.35 10.85 9.14
N ALA A 138 -6.08 10.72 7.84
CA ALA A 138 -4.75 10.99 7.31
C ALA A 138 -4.32 12.44 7.52
N ARG A 139 -3.09 12.61 7.98
CA ARG A 139 -2.50 13.93 8.16
C ARG A 139 -2.45 14.68 6.83
N GLU A 140 -2.78 15.97 6.87
CA GLU A 140 -2.79 16.80 5.67
C GLU A 140 -1.44 16.77 4.96
N ASP A 141 -1.47 16.40 3.68
CA ASP A 141 -0.26 16.26 2.89
C ASP A 141 -0.51 16.64 1.44
N GLU A 142 0.32 17.55 0.92
CA GLU A 142 0.23 17.93 -0.49
C GLU A 142 0.53 16.75 -1.38
N ASN A 143 1.35 15.83 -0.88
CA ASN A 143 1.75 14.66 -1.64
C ASN A 143 1.50 13.38 -0.86
N PRO A 144 0.31 12.78 -1.02
CA PRO A 144 -0.10 11.55 -0.33
C PRO A 144 0.88 10.40 -0.59
N LYS A 145 1.26 9.69 0.46
CA LYS A 145 2.22 8.60 0.35
C LYS A 145 1.52 7.24 0.22
N VAL A 146 2.29 6.22 -0.14
CA VAL A 146 1.78 4.86 -0.24
C VAL A 146 1.38 4.34 1.14
N ALA A 147 2.04 4.86 2.17
CA ALA A 147 1.76 4.46 3.54
C ALA A 147 0.34 4.85 3.97
N GLU A 148 -0.25 5.82 3.28
CA GLU A 148 -1.58 6.30 3.60
C GLU A 148 -2.65 5.25 3.32
N VAL A 149 -2.42 4.41 2.30
CA VAL A 149 -3.39 3.38 1.94
C VAL A 149 -3.04 2.02 2.55
N ILE A 150 -1.88 1.94 3.19
CA ILE A 150 -1.50 0.74 3.94
C ILE A 150 -2.12 0.84 5.33
N TYR A 151 -2.31 2.07 5.79
CA TYR A 151 -2.94 2.35 7.08
C TYR A 151 -4.32 1.69 7.26
N PRO A 152 -5.27 1.93 6.34
CA PRO A 152 -6.62 1.42 6.63
C PRO A 152 -6.75 -0.10 6.49
N ILE A 153 -5.97 -0.70 5.59
CA ILE A 153 -6.05 -2.15 5.39
C ILE A 153 -5.39 -2.89 6.56
N MET A 154 -4.51 -2.20 7.29
CA MET A 154 -3.89 -2.77 8.48
C MET A 154 -4.85 -2.71 9.67
N GLN A 155 -5.60 -1.62 9.75
CA GLN A 155 -6.58 -1.47 10.81
C GLN A 155 -7.68 -2.51 10.67
N VAL A 156 -8.04 -2.82 9.42
CA VAL A 156 -8.99 -3.87 9.13
C VAL A 156 -8.38 -5.24 9.51
N ASN A 157 -7.13 -5.43 9.13
CA ASN A 157 -6.42 -6.67 9.42
C ASN A 157 -6.24 -6.89 10.92
N ASN A 158 -6.07 -5.80 11.66
CA ASN A 158 -5.93 -5.85 13.12
C ASN A 158 -7.24 -6.25 13.80
N ILE A 159 -8.35 -5.76 13.28
CA ILE A 159 -9.66 -6.11 13.79
C ILE A 159 -9.90 -7.61 13.62
N HIS A 160 -9.45 -8.14 12.48
CA HIS A 160 -9.60 -9.55 12.17
C HIS A 160 -8.79 -10.43 13.11
N TYR A 161 -7.52 -10.08 13.32
CA TYR A 161 -6.62 -10.87 14.14
C TYR A 161 -6.95 -10.80 15.64
N SER A 162 -7.53 -9.69 16.06
CA SER A 162 -7.92 -9.52 17.45
C SER A 162 -9.12 -10.42 17.77
N GLY A 163 -9.95 -10.66 16.77
CA GLY A 163 -11.11 -11.52 16.91
C GLY A 163 -12.17 -10.94 17.83
N VAL A 164 -12.09 -9.64 18.07
CA VAL A 164 -13.03 -8.97 18.96
C VAL A 164 -14.44 -8.93 18.37
N ASP A 165 -15.43 -8.77 19.23
CA ASP A 165 -16.82 -8.76 18.81
C ASP A 165 -17.30 -7.36 18.48
N VAL A 166 -16.76 -6.37 19.22
CA VAL A 166 -17.17 -4.98 19.05
C VAL A 166 -15.97 -4.06 18.80
N ALA A 167 -16.06 -3.24 17.76
CA ALA A 167 -15.04 -2.25 17.48
C ALA A 167 -15.54 -0.85 17.83
N VAL A 168 -14.73 -0.09 18.55
CA VAL A 168 -15.11 1.24 18.99
C VAL A 168 -14.14 2.29 18.45
N GLY A 169 -14.66 3.48 18.15
CA GLY A 169 -13.85 4.59 17.69
C GLY A 169 -14.70 5.81 17.40
N GLY A 170 -14.06 6.89 16.96
CA GLY A 170 -14.78 8.10 16.60
C GLY A 170 -15.46 7.92 15.26
N MET A 171 -16.27 8.89 14.86
CA MET A 171 -16.98 8.84 13.59
C MET A 171 -16.02 8.90 12.40
N GLU A 172 -14.79 9.34 12.64
CA GLU A 172 -13.77 9.42 11.60
C GLU A 172 -13.30 8.03 11.20
N GLN A 173 -13.63 7.03 12.00
CA GLN A 173 -13.16 5.67 11.79
C GLN A 173 -14.20 4.80 11.09
N ARG A 174 -15.35 5.38 10.78
CA ARG A 174 -16.47 4.60 10.25
C ARG A 174 -16.18 3.94 8.90
N LYS A 175 -15.64 4.71 7.96
CA LYS A 175 -15.37 4.20 6.62
C LYS A 175 -14.41 3.00 6.61
N ILE A 176 -13.42 3.04 7.49
CA ILE A 176 -12.50 1.92 7.64
C ILE A 176 -13.24 0.71 8.24
N HIS A 177 -14.08 0.98 9.24
CA HIS A 177 -14.82 -0.06 9.92
C HIS A 177 -15.86 -0.72 9.02
N MET A 178 -16.51 0.08 8.17
CA MET A 178 -17.47 -0.46 7.21
C MET A 178 -16.74 -1.31 6.18
N LEU A 179 -15.51 -0.91 5.86
CA LEU A 179 -14.69 -1.68 4.94
C LEU A 179 -14.25 -2.97 5.61
N ALA A 180 -14.08 -2.92 6.93
CA ALA A 180 -13.74 -4.10 7.71
C ALA A 180 -14.94 -5.04 7.82
N ARG A 181 -16.14 -4.47 7.80
CA ARG A 181 -17.36 -5.26 7.91
C ARG A 181 -17.69 -5.96 6.59
N GLU A 182 -17.05 -5.53 5.51
CA GLU A 182 -17.34 -6.06 4.18
C GLU A 182 -16.37 -7.16 3.77
N LEU A 183 -15.11 -7.03 4.17
CA LEU A 183 -14.07 -7.96 3.74
C LEU A 183 -13.85 -9.12 4.70
N LEU A 184 -14.04 -8.87 5.99
CA LEU A 184 -13.73 -9.87 7.02
C LEU A 184 -14.85 -10.90 7.19
N PRO A 185 -14.46 -12.16 7.45
CA PRO A 185 -15.39 -13.27 7.68
C PRO A 185 -16.32 -12.99 8.85
N LYS A 186 -15.76 -12.51 9.96
CA LYS A 186 -16.54 -12.18 11.14
C LYS A 186 -16.88 -10.69 11.17
N LYS A 187 -18.15 -10.37 11.03
CA LYS A 187 -18.60 -8.98 11.06
C LYS A 187 -18.61 -8.44 12.48
N VAL A 188 -17.82 -7.39 12.71
CA VAL A 188 -17.75 -6.76 14.02
C VAL A 188 -18.84 -5.70 14.17
N VAL A 189 -19.37 -5.58 15.39
CA VAL A 189 -20.35 -4.54 15.68
C VAL A 189 -19.61 -3.23 15.96
N CYS A 190 -19.91 -2.21 15.18
CA CYS A 190 -19.20 -0.93 15.30
C CYS A 190 -19.97 0.08 16.13
N ILE A 191 -19.31 0.61 17.16
CA ILE A 191 -19.90 1.66 17.99
C ILE A 191 -19.10 2.95 17.81
N HIS A 192 -19.67 3.90 17.08
CA HIS A 192 -18.97 5.14 16.76
C HIS A 192 -19.44 6.31 17.63
N ASN A 193 -18.47 6.99 18.23
CA ASN A 193 -18.75 8.13 19.11
C ASN A 193 -18.69 9.45 18.36
N PRO A 194 -19.45 10.46 18.83
CA PRO A 194 -19.47 11.77 18.18
C PRO A 194 -18.11 12.47 18.17
N VAL A 195 -17.92 13.32 17.18
CA VAL A 195 -16.68 14.08 17.05
C VAL A 195 -16.81 15.43 17.75
N LEU A 196 -15.98 15.66 18.77
CA LEU A 196 -16.05 16.90 19.53
C LEU A 196 -15.51 18.10 18.76
N THR A 197 -16.28 19.18 18.77
CA THR A 197 -15.87 20.42 18.11
C THR A 197 -14.80 21.11 18.94
N GLY A 198 -13.80 21.66 18.26
CA GLY A 198 -12.73 22.38 18.93
C GLY A 198 -13.22 23.61 19.64
N LEU A 199 -12.39 24.17 20.51
CA LEU A 199 -12.75 25.33 21.31
C LEU A 199 -13.00 26.57 20.46
N ASP A 200 -12.33 26.66 19.32
CA ASP A 200 -12.48 27.81 18.43
C ASP A 200 -13.67 27.63 17.48
N GLY A 201 -14.36 26.50 17.60
CA GLY A 201 -15.53 26.23 16.78
C GLY A 201 -15.20 25.92 15.34
N GLU A 202 -13.93 25.70 15.05
CA GLU A 202 -13.48 25.38 13.71
C GLU A 202 -12.71 24.07 13.68
N GLY A 203 -13.25 23.09 12.98
CA GLY A 203 -12.63 21.78 12.89
C GLY A 203 -12.84 20.98 14.15
N LYS A 204 -12.36 19.72 14.14
CA LYS A 204 -12.52 18.84 15.29
C LYS A 204 -11.47 19.13 16.36
N MET A 205 -11.76 18.72 17.59
CA MET A 205 -10.80 18.87 18.68
C MET A 205 -9.69 17.86 18.53
N SER A 206 -8.50 18.33 18.16
CA SER A 206 -7.36 17.44 17.94
C SER A 206 -6.14 17.90 18.73
N SER A 207 -5.23 16.97 18.98
CA SER A 207 -3.99 17.29 19.70
C SER A 207 -3.03 18.04 18.78
N SER A 208 -3.12 17.78 17.47
CA SER A 208 -2.28 18.44 16.49
C SER A 208 -2.66 19.90 16.35
N LYS A 209 -3.90 20.21 16.73
CA LYS A 209 -4.39 21.58 16.72
C LYS A 209 -4.31 22.19 18.12
N GLY A 210 -4.76 23.44 18.26
CA GLY A 210 -4.72 24.12 19.53
C GLY A 210 -6.11 24.45 20.05
N ASN A 211 -6.98 23.44 20.07
CA ASN A 211 -8.36 23.62 20.49
C ASN A 211 -8.86 22.50 21.39
N PHE A 212 -8.02 22.07 22.31
CA PHE A 212 -8.35 20.93 23.16
C PHE A 212 -8.27 21.23 24.65
N ILE A 213 -9.05 20.49 25.43
CA ILE A 213 -8.96 20.51 26.88
C ILE A 213 -8.31 19.21 27.35
N ALA A 214 -7.03 19.27 27.67
CA ALA A 214 -6.32 18.09 28.14
C ALA A 214 -6.82 17.68 29.52
N VAL A 215 -6.85 16.38 29.78
CA VAL A 215 -7.37 15.87 31.04
C VAL A 215 -6.49 16.24 32.23
N ASP A 216 -5.24 16.60 31.95
CA ASP A 216 -4.30 16.96 33.01
C ASP A 216 -3.99 18.45 33.01
N ASP A 217 -4.80 19.23 32.30
CA ASP A 217 -4.64 20.68 32.31
C ASP A 217 -4.92 21.26 33.69
N SER A 218 -4.20 22.32 34.03
CA SER A 218 -4.40 23.00 35.31
C SER A 218 -5.77 23.69 35.32
N PRO A 219 -6.38 23.82 36.51
CA PRO A 219 -7.67 24.49 36.66
C PRO A 219 -7.68 25.90 36.06
N GLU A 220 -6.56 26.61 36.15
CA GLU A 220 -6.46 27.95 35.57
C GLU A 220 -6.47 27.88 34.05
N GLU A 221 -5.82 26.84 33.51
CA GLU A 221 -5.75 26.65 32.07
C GLU A 221 -7.13 26.27 31.52
N ILE A 222 -7.85 25.45 32.26
CA ILE A 222 -9.19 25.03 31.88
C ILE A 222 -10.14 26.22 31.86
N ARG A 223 -10.11 27.03 32.91
CA ARG A 223 -10.95 28.21 33.00
C ARG A 223 -10.70 29.17 31.85
N ALA A 224 -9.43 29.36 31.49
CA ALA A 224 -9.05 30.27 30.43
C ALA A 224 -9.50 29.77 29.06
N LYS A 225 -9.30 28.48 28.80
CA LYS A 225 -9.66 27.89 27.52
C LYS A 225 -11.17 27.91 27.29
N ILE A 226 -11.93 27.55 28.33
CA ILE A 226 -13.38 27.57 28.25
C ILE A 226 -13.89 29.00 28.04
N LYS A 227 -13.26 29.95 28.72
CA LYS A 227 -13.63 31.36 28.64
C LYS A 227 -13.43 31.90 27.22
N LYS A 228 -12.33 31.49 26.58
CA LYS A 228 -11.98 31.96 25.25
C LYS A 228 -12.71 31.17 24.16
N ALA A 229 -13.33 30.07 24.56
CA ALA A 229 -13.96 29.15 23.61
C ALA A 229 -15.11 29.77 22.83
N TYR A 230 -15.35 29.23 21.64
CA TYR A 230 -16.46 29.64 20.78
C TYR A 230 -17.79 29.20 21.38
N CYS A 231 -18.66 30.17 21.65
CA CYS A 231 -19.96 29.87 22.25
C CYS A 231 -20.95 31.01 22.04
N PRO A 232 -21.57 31.07 20.85
CA PRO A 232 -22.57 32.09 20.54
C PRO A 232 -23.88 31.83 21.27
N ALA A 233 -24.60 32.89 21.62
CA ALA A 233 -25.85 32.74 22.37
C ALA A 233 -26.97 32.19 21.49
N GLY A 234 -27.62 31.13 21.96
CA GLY A 234 -28.74 30.55 21.25
C GLY A 234 -28.37 29.39 20.34
N VAL A 235 -27.10 29.32 19.96
CA VAL A 235 -26.64 28.29 19.05
C VAL A 235 -26.06 27.09 19.79
N VAL A 236 -26.70 25.93 19.62
CA VAL A 236 -26.25 24.69 20.26
C VAL A 236 -25.34 23.92 19.32
N GLU A 237 -25.69 23.89 18.05
CA GLU A 237 -24.92 23.19 17.04
C GLU A 237 -23.54 23.81 16.82
N GLY A 238 -22.50 22.99 16.93
CA GLY A 238 -21.14 23.45 16.73
C GLY A 238 -20.58 24.17 17.94
N ASN A 239 -21.30 24.11 19.05
CA ASN A 239 -20.88 24.75 20.29
C ASN A 239 -20.18 23.76 21.21
N PRO A 240 -18.85 23.91 21.36
CA PRO A 240 -18.04 23.00 22.18
C PRO A 240 -18.44 23.00 23.65
N ILE A 241 -18.82 24.16 24.16
CA ILE A 241 -19.24 24.28 25.56
C ILE A 241 -20.51 23.48 25.80
N MET A 242 -21.44 23.54 24.85
CA MET A 242 -22.66 22.76 24.91
C MET A 242 -22.35 21.27 24.78
N GLU A 243 -21.34 20.96 23.98
CA GLU A 243 -20.91 19.58 23.79
C GLU A 243 -20.32 19.00 25.07
N ILE A 244 -19.42 19.76 25.70
CA ILE A 244 -18.79 19.32 26.94
C ILE A 244 -19.82 19.10 28.04
N ALA A 245 -20.80 19.99 28.12
CA ALA A 245 -21.88 19.89 29.10
C ALA A 245 -22.75 18.67 28.82
N LYS A 246 -22.82 18.27 27.55
CA LYS A 246 -23.66 17.15 27.13
C LYS A 246 -23.01 15.80 27.40
N TYR A 247 -21.72 15.70 27.13
CA TYR A 247 -21.02 14.41 27.20
C TYR A 247 -20.26 14.18 28.50
N PHE A 248 -19.98 15.25 29.24
CA PHE A 248 -19.14 15.14 30.43
C PHE A 248 -19.83 15.54 31.73
N LEU A 249 -20.58 16.64 31.69
CA LEU A 249 -21.22 17.16 32.90
C LEU A 249 -22.25 16.20 33.48
N GLU A 250 -22.33 16.16 34.81
CA GLU A 250 -23.23 15.25 35.50
C GLU A 250 -24.47 15.99 36.01
N TYR A 251 -25.64 15.42 35.74
CA TYR A 251 -26.91 16.04 36.10
C TYR A 251 -27.58 15.34 37.27
N PRO A 252 -28.40 16.06 38.05
CA PRO A 252 -28.79 17.47 37.94
C PRO A 252 -27.65 18.46 38.20
N LEU A 253 -27.62 19.53 37.42
CA LEU A 253 -26.53 20.51 37.47
C LEU A 253 -27.03 21.86 37.99
N THR A 254 -26.27 22.45 38.90
CA THR A 254 -26.60 23.78 39.41
C THR A 254 -25.65 24.84 38.85
N ILE A 255 -26.20 25.80 38.13
CA ILE A 255 -25.40 26.87 37.53
C ILE A 255 -25.35 28.08 38.46
N LYS A 256 -24.14 28.46 38.88
CA LYS A 256 -23.95 29.57 39.79
C LYS A 256 -23.95 30.91 39.07
N ARG A 257 -24.89 31.78 39.42
CA ARG A 257 -24.98 33.12 38.86
C ARG A 257 -25.25 34.12 39.97
N PRO A 258 -24.75 35.36 39.81
CA PRO A 258 -25.05 36.42 40.76
C PRO A 258 -26.54 36.76 40.73
N GLU A 259 -27.06 37.31 41.83
CA GLU A 259 -28.48 37.66 41.91
C GLU A 259 -28.84 38.76 40.93
N LYS A 260 -27.85 39.59 40.59
CA LYS A 260 -28.05 40.68 39.64
C LYS A 260 -28.29 40.14 38.24
N PHE A 261 -27.88 38.90 38.00
CA PHE A 261 -28.00 38.28 36.69
C PHE A 261 -28.98 37.10 36.68
N GLY A 262 -29.77 36.99 37.74
CA GLY A 262 -30.80 35.96 37.79
C GLY A 262 -30.63 34.96 38.92
N GLY A 263 -29.49 35.01 39.59
CA GLY A 263 -29.21 34.08 40.69
C GLY A 263 -28.92 32.67 40.20
N ASP A 264 -28.66 31.78 41.14
CA ASP A 264 -28.30 30.40 40.82
C ASP A 264 -29.43 29.67 40.06
N LEU A 265 -29.04 28.78 39.16
CA LEU A 265 -30.01 28.04 38.35
C LEU A 265 -29.72 26.55 38.40
N THR A 266 -30.78 25.75 38.60
CA THR A 266 -30.64 24.31 38.68
C THR A 266 -31.36 23.60 37.54
N VAL A 267 -30.61 22.88 36.73
CA VAL A 267 -31.19 22.06 35.67
C VAL A 267 -31.17 20.59 36.05
N ASN A 268 -32.10 19.82 35.50
CA ASN A 268 -32.21 18.40 35.83
C ASN A 268 -31.75 17.49 34.70
N SER A 269 -31.53 18.07 33.53
CA SER A 269 -31.06 17.31 32.38
C SER A 269 -30.38 18.23 31.37
N TYR A 270 -29.71 17.64 30.40
CA TYR A 270 -29.08 18.42 29.33
C TYR A 270 -30.14 19.06 28.44
N GLU A 271 -31.27 18.38 28.29
CA GLU A 271 -32.37 18.87 27.48
C GLU A 271 -32.93 20.18 28.04
N GLU A 272 -32.94 20.29 29.36
CA GLU A 272 -33.38 21.52 30.01
C GLU A 272 -32.34 22.62 29.82
N LEU A 273 -31.07 22.25 29.93
CA LEU A 273 -29.97 23.17 29.69
C LEU A 273 -29.95 23.63 28.24
N GLU A 274 -30.28 22.71 27.35
CA GLU A 274 -30.31 22.99 25.92
C GLU A 274 -31.44 23.97 25.60
N SER A 275 -32.61 23.73 26.20
CA SER A 275 -33.77 24.58 25.98
C SER A 275 -33.54 25.98 26.55
N LEU A 276 -32.94 26.04 27.73
CA LEU A 276 -32.65 27.31 28.38
C LEU A 276 -31.61 28.12 27.60
N PHE A 277 -30.73 27.43 26.89
CA PHE A 277 -29.70 28.08 26.10
C PHE A 277 -30.21 28.49 24.73
N LYS A 278 -31.16 27.72 24.19
CA LYS A 278 -31.77 28.03 22.90
C LYS A 278 -32.54 29.33 22.96
N ASN A 279 -33.37 29.47 23.99
CA ASN A 279 -34.19 30.67 24.17
C ASN A 279 -33.43 31.81 24.85
N LYS A 280 -32.12 31.63 24.98
CA LYS A 280 -31.22 32.65 25.51
C LYS A 280 -31.59 33.12 26.91
N GLU A 281 -32.14 32.21 27.70
CA GLU A 281 -32.46 32.49 29.10
C GLU A 281 -31.19 32.33 29.94
N LEU A 282 -30.18 31.70 29.35
CA LEU A 282 -28.89 31.52 30.00
C LEU A 282 -27.79 32.15 29.17
N HIS A 283 -27.01 33.02 29.79
CA HIS A 283 -25.92 33.70 29.10
C HIS A 283 -24.72 32.76 28.97
N PRO A 284 -24.04 32.82 27.82
CA PRO A 284 -22.85 31.99 27.53
C PRO A 284 -21.78 32.03 28.63
N MET A 285 -21.56 33.20 29.23
CA MET A 285 -20.55 33.34 30.27
C MET A 285 -20.88 32.52 31.51
N ASP A 286 -22.16 32.50 31.89
CA ASP A 286 -22.61 31.70 33.02
C ASP A 286 -22.50 30.22 32.69
N LEU A 287 -22.75 29.88 31.43
CA LEU A 287 -22.61 28.52 30.96
C LEU A 287 -21.15 28.10 31.06
N LYS A 288 -20.26 28.97 30.58
CA LYS A 288 -18.82 28.70 30.60
C LYS A 288 -18.31 28.50 32.03
N ASN A 289 -18.72 29.39 32.93
CA ASN A 289 -18.31 29.31 34.33
C ASN A 289 -18.78 28.01 34.98
N ALA A 290 -20.00 27.58 34.64
CA ALA A 290 -20.56 26.35 35.17
C ALA A 290 -19.81 25.13 34.65
N VAL A 291 -19.68 25.05 33.33
CA VAL A 291 -19.00 23.94 32.68
C VAL A 291 -17.54 23.82 33.12
N ALA A 292 -16.86 24.97 33.23
CA ALA A 292 -15.45 25.00 33.63
C ALA A 292 -15.24 24.38 35.00
N GLU A 293 -16.00 24.85 35.99
CA GLU A 293 -15.85 24.37 37.36
C GLU A 293 -16.17 22.88 37.49
N GLU A 294 -17.21 22.44 36.79
CA GLU A 294 -17.61 21.04 36.82
C GLU A 294 -16.55 20.16 36.15
N LEU A 295 -16.00 20.65 35.03
CA LEU A 295 -14.96 19.93 34.31
C LEU A 295 -13.72 19.79 35.18
N ILE A 296 -13.45 20.81 35.98
CA ILE A 296 -12.31 20.79 36.88
C ILE A 296 -12.50 19.71 37.95
N LYS A 297 -13.69 19.64 38.52
CA LYS A 297 -14.02 18.62 39.50
C LYS A 297 -13.86 17.22 38.92
N ILE A 298 -14.35 17.04 37.70
CA ILE A 298 -14.31 15.75 37.03
C ILE A 298 -12.89 15.32 36.68
N LEU A 299 -12.10 16.24 36.15
CA LEU A 299 -10.75 15.94 35.70
C LEU A 299 -9.73 15.93 36.85
N GLU A 300 -10.14 16.42 38.01
CA GLU A 300 -9.25 16.52 39.17
C GLU A 300 -8.62 15.19 39.63
N PRO A 301 -9.43 14.13 39.80
CA PRO A 301 -8.82 12.86 40.22
C PRO A 301 -7.81 12.35 39.20
N ILE A 302 -8.07 12.58 37.93
CA ILE A 302 -7.15 12.19 36.86
C ILE A 302 -5.89 13.04 36.93
N ARG A 303 -6.06 14.32 37.18
CA ARG A 303 -4.94 15.25 37.30
C ARG A 303 -4.08 14.89 38.51
N LYS A 304 -4.74 14.53 39.61
CA LYS A 304 -4.05 14.16 40.83
C LYS A 304 -3.29 12.84 40.71
N ARG A 305 -3.89 11.87 40.03
CA ARG A 305 -3.29 10.55 39.90
C ARG A 305 -2.09 10.52 38.95
N LEU A 306 -1.82 11.64 38.29
CA LEU A 306 -0.64 11.77 37.46
C LEU A 306 0.43 12.60 38.15
N MET B 1 35.79 -7.03 -28.64
CA MET B 1 34.64 -6.46 -27.95
C MET B 1 34.81 -6.52 -26.44
N ASP B 2 34.70 -5.36 -25.80
CA ASP B 2 34.87 -5.25 -24.36
C ASP B 2 33.75 -5.97 -23.61
N GLU B 3 33.97 -6.27 -22.33
CA GLU B 3 32.93 -6.82 -21.48
C GLU B 3 31.80 -5.80 -21.35
N PHE B 4 32.16 -4.52 -21.33
CA PHE B 4 31.19 -3.44 -21.29
C PHE B 4 30.33 -3.44 -22.55
N GLU B 5 30.98 -3.49 -23.70
CA GLU B 5 30.29 -3.47 -24.99
C GLU B 5 29.43 -4.73 -25.17
N MET B 6 29.93 -5.86 -24.68
CA MET B 6 29.21 -7.12 -24.80
C MET B 6 27.95 -7.10 -23.95
N ILE B 7 28.00 -6.39 -22.83
CA ILE B 7 26.85 -6.24 -21.95
C ILE B 7 25.88 -5.19 -22.50
N LYS B 8 26.44 -4.10 -23.02
CA LYS B 8 25.64 -3.00 -23.54
C LYS B 8 24.93 -3.38 -24.84
N ARG B 9 25.43 -4.40 -25.52
CA ARG B 9 24.89 -4.81 -26.81
C ARG B 9 23.40 -5.16 -26.73
N ASN B 10 22.62 -4.55 -27.62
CA ASN B 10 21.17 -4.76 -27.69
C ASN B 10 20.42 -4.38 -26.41
N THR B 11 20.87 -3.30 -25.76
CA THR B 11 20.16 -2.76 -24.62
C THR B 11 19.54 -1.42 -24.97
N SER B 12 18.53 -1.00 -24.21
CA SER B 12 17.92 0.29 -24.41
C SER B 12 18.67 1.38 -23.66
N GLU B 13 18.99 1.09 -22.40
CA GLU B 13 19.72 2.05 -21.57
C GLU B 13 20.47 1.36 -20.44
N ILE B 14 21.49 2.04 -19.93
CA ILE B 14 22.22 1.58 -18.76
C ILE B 14 22.37 2.75 -17.79
N ILE B 15 21.93 2.55 -16.54
CA ILE B 15 21.94 3.62 -15.55
C ILE B 15 22.82 3.29 -14.36
N SER B 16 24.08 3.73 -14.41
CA SER B 16 24.62 4.42 -15.57
C SER B 16 25.83 3.67 -16.13
N GLU B 17 26.35 4.13 -17.26
CA GLU B 17 27.48 3.47 -17.90
C GLU B 17 28.76 3.55 -17.06
N GLU B 18 28.99 4.71 -16.45
CA GLU B 18 30.16 4.91 -15.61
C GLU B 18 30.07 4.06 -14.34
N GLU B 19 28.85 3.88 -13.84
CA GLU B 19 28.63 3.04 -12.68
C GLU B 19 28.84 1.57 -13.02
N LEU B 20 28.51 1.21 -14.27
CA LEU B 20 28.71 -0.15 -14.74
C LEU B 20 30.21 -0.48 -14.76
N ARG B 21 31.00 0.47 -15.26
CA ARG B 21 32.44 0.28 -15.37
C ARG B 21 33.09 0.13 -14.00
N GLU B 22 32.50 0.76 -13.00
CA GLU B 22 33.02 0.68 -11.64
C GLU B 22 32.67 -0.65 -11.00
N VAL B 23 31.61 -1.28 -11.50
CA VAL B 23 31.20 -2.59 -11.02
C VAL B 23 32.01 -3.70 -11.68
N LEU B 24 32.34 -3.50 -12.95
CA LEU B 24 33.12 -4.49 -13.71
C LEU B 24 34.52 -4.71 -13.14
N LYS B 25 34.98 -3.77 -12.31
CA LYS B 25 36.30 -3.87 -11.71
C LYS B 25 36.33 -4.91 -10.59
N LYS B 26 35.17 -5.19 -10.01
CA LYS B 26 35.09 -6.13 -8.90
C LYS B 26 35.21 -7.59 -9.37
N ASP B 27 35.81 -8.41 -8.52
CA ASP B 27 35.94 -9.84 -8.81
C ASP B 27 34.61 -10.54 -8.54
N GLU B 28 33.95 -10.13 -7.47
CA GLU B 28 32.62 -10.66 -7.14
C GLU B 28 31.54 -9.62 -7.40
N LYS B 29 30.65 -9.95 -8.32
CA LYS B 29 29.57 -9.05 -8.70
C LYS B 29 28.32 -9.84 -9.06
N SER B 30 27.15 -9.27 -8.79
CA SER B 30 25.89 -9.99 -9.00
C SER B 30 24.89 -9.18 -9.81
N ALA B 31 24.13 -9.88 -10.65
CA ALA B 31 23.07 -9.28 -11.44
C ALA B 31 21.77 -10.04 -11.22
N ARG B 32 20.69 -9.30 -10.94
CA ARG B 32 19.42 -9.92 -10.60
C ARG B 32 18.27 -9.46 -11.48
N ILE B 33 17.50 -10.42 -12.00
CA ILE B 33 16.31 -10.10 -12.76
C ILE B 33 15.11 -10.86 -12.21
N GLY B 34 13.95 -10.21 -12.20
CA GLY B 34 12.74 -10.82 -11.69
C GLY B 34 11.65 -10.95 -12.74
N PHE B 35 10.99 -12.10 -12.75
CA PHE B 35 9.89 -12.34 -13.68
C PHE B 35 8.62 -12.70 -12.94
N GLU B 36 7.51 -12.13 -13.37
CA GLU B 36 6.20 -12.63 -12.96
C GLU B 36 5.97 -13.92 -13.74
N PRO B 37 5.75 -15.03 -13.01
CA PRO B 37 5.56 -16.35 -13.62
C PRO B 37 4.51 -16.32 -14.74
N SER B 38 4.92 -16.72 -15.94
CA SER B 38 4.06 -16.69 -17.11
C SER B 38 3.78 -18.09 -17.63
N GLY B 39 2.54 -18.30 -18.10
CA GLY B 39 2.13 -19.58 -18.63
C GLY B 39 2.97 -20.03 -19.82
N LYS B 40 3.36 -19.07 -20.65
CA LYS B 40 4.23 -19.33 -21.78
C LYS B 40 5.46 -18.42 -21.74
N ILE B 41 6.62 -18.99 -22.03
CA ILE B 41 7.85 -18.22 -22.09
C ILE B 41 8.15 -17.79 -23.52
N HIS B 42 8.02 -16.50 -23.79
CA HIS B 42 8.19 -15.99 -25.15
C HIS B 42 9.57 -15.36 -25.39
N LEU B 43 9.73 -14.79 -26.57
CA LEU B 43 11.00 -14.19 -26.97
C LEU B 43 11.43 -13.05 -26.06
N GLY B 44 10.44 -12.34 -25.51
CA GLY B 44 10.69 -11.25 -24.57
C GLY B 44 11.48 -11.75 -23.37
N HIS B 45 11.11 -12.91 -22.85
CA HIS B 45 11.84 -13.53 -21.76
C HIS B 45 13.23 -13.96 -22.21
N TYR B 46 13.30 -14.52 -23.42
CA TYR B 46 14.55 -15.02 -23.98
C TYR B 46 15.56 -13.89 -24.12
N LEU B 47 15.09 -12.72 -24.55
CA LEU B 47 15.94 -11.56 -24.71
C LEU B 47 16.55 -11.16 -23.36
N GLN B 48 15.74 -11.22 -22.32
CA GLN B 48 16.19 -10.92 -20.97
C GLN B 48 17.23 -11.94 -20.52
N ILE B 49 16.91 -13.22 -20.72
CA ILE B 49 17.79 -14.32 -20.33
C ILE B 49 19.13 -14.26 -21.07
N LYS B 50 19.07 -13.96 -22.36
CA LYS B 50 20.28 -13.79 -23.17
C LYS B 50 21.18 -12.72 -22.59
N LYS B 51 20.57 -11.64 -22.10
CA LYS B 51 21.33 -10.56 -21.50
C LYS B 51 21.92 -10.97 -20.15
N MET B 52 21.19 -11.84 -19.43
CA MET B 52 21.69 -12.37 -18.17
C MET B 52 22.87 -13.31 -18.43
N ILE B 53 22.85 -13.96 -19.60
CA ILE B 53 23.95 -14.85 -19.99
C ILE B 53 25.19 -14.03 -20.34
N ASP B 54 24.99 -12.90 -21.00
CA ASP B 54 26.09 -11.98 -21.32
C ASP B 54 26.75 -11.50 -20.02
N LEU B 55 25.94 -11.25 -19.01
CA LEU B 55 26.45 -10.84 -17.70
C LEU B 55 27.19 -11.99 -17.03
N GLN B 56 26.66 -13.19 -17.19
CA GLN B 56 27.26 -14.39 -16.61
C GLN B 56 28.67 -14.60 -17.16
N ASN B 57 28.81 -14.40 -18.47
CA ASN B 57 30.10 -14.53 -19.12
C ASN B 57 31.06 -13.40 -18.72
N ALA B 58 30.48 -12.30 -18.25
CA ALA B 58 31.27 -11.14 -17.83
C ALA B 58 31.78 -11.28 -16.41
N GLY B 59 31.37 -12.36 -15.73
CA GLY B 59 31.84 -12.63 -14.39
C GLY B 59 30.82 -12.34 -13.31
N PHE B 60 29.58 -12.09 -13.71
CA PHE B 60 28.51 -11.80 -12.76
C PHE B 60 27.88 -13.08 -12.21
N ASP B 61 27.50 -13.05 -10.94
CA ASP B 61 26.69 -14.11 -10.35
C ASP B 61 25.23 -13.81 -10.64
N ILE B 62 24.57 -14.73 -11.33
CA ILE B 62 23.21 -14.48 -11.82
C ILE B 62 22.13 -14.97 -10.85
N ILE B 63 21.15 -14.10 -10.61
CA ILE B 63 20.01 -14.44 -9.76
C ILE B 63 18.70 -14.22 -10.51
N ILE B 64 17.88 -15.25 -10.59
CA ILE B 64 16.55 -15.13 -11.17
C ILE B 64 15.50 -15.13 -10.05
N TYR B 65 14.69 -14.08 -10.03
CA TYR B 65 13.66 -13.95 -9.02
C TYR B 65 12.29 -14.24 -9.60
N LEU B 66 11.65 -15.30 -9.12
CA LEU B 66 10.33 -15.67 -9.59
C LEU B 66 9.25 -14.99 -8.75
N ALA B 67 8.86 -13.80 -9.17
CA ALA B 67 7.94 -12.97 -8.42
C ALA B 67 6.51 -13.53 -8.38
N ASP B 68 6.30 -14.56 -7.57
CA ASP B 68 4.97 -15.14 -7.42
C ASP B 68 4.08 -14.24 -6.56
N LEU B 69 4.68 -13.57 -5.58
CA LEU B 69 3.94 -12.61 -4.75
C LEU B 69 3.56 -11.38 -5.55
N GLY B 70 4.46 -10.95 -6.43
CA GLY B 70 4.21 -9.82 -7.29
C GLY B 70 3.04 -10.08 -8.22
N ALA B 71 3.06 -11.23 -8.88
CA ALA B 71 1.98 -11.63 -9.76
C ALA B 71 0.67 -11.76 -8.98
N TYR B 72 0.78 -12.24 -7.74
CA TYR B 72 -0.37 -12.36 -6.86
C TYR B 72 -0.98 -10.99 -6.58
N LEU B 73 -0.12 -10.00 -6.37
CA LEU B 73 -0.56 -8.63 -6.14
C LEU B 73 -1.08 -7.98 -7.42
N ASN B 74 -0.62 -8.49 -8.57
CA ASN B 74 -1.01 -7.94 -9.85
C ASN B 74 -2.20 -8.68 -10.45
N GLN B 75 -2.95 -9.37 -9.60
CA GLN B 75 -4.16 -10.09 -10.00
C GLN B 75 -3.91 -11.10 -11.12
N LYS B 76 -3.03 -12.07 -10.86
CA LYS B 76 -2.73 -13.10 -11.85
C LYS B 76 -3.32 -14.45 -11.44
N GLY B 77 -3.71 -14.58 -10.18
CA GLY B 77 -4.32 -15.80 -9.71
C GLY B 77 -3.97 -16.14 -8.26
N GLU B 78 -4.01 -17.44 -7.94
CA GLU B 78 -3.72 -17.91 -6.60
C GLU B 78 -2.24 -18.24 -6.44
N LEU B 79 -1.71 -18.00 -5.24
CA LEU B 79 -0.29 -18.19 -4.94
C LEU B 79 0.29 -19.53 -5.38
N ASP B 80 -0.34 -20.62 -4.95
CA ASP B 80 0.16 -21.96 -5.24
C ASP B 80 0.16 -22.25 -6.75
N GLU B 81 -0.80 -21.66 -7.46
CA GLU B 81 -0.89 -21.82 -8.90
C GLU B 81 0.25 -21.07 -9.58
N ILE B 82 0.50 -19.85 -9.10
CA ILE B 82 1.58 -19.02 -9.63
C ILE B 82 2.93 -19.65 -9.34
N ARG B 83 3.02 -20.32 -8.19
CA ARG B 83 4.26 -21.00 -7.79
C ARG B 83 4.56 -22.15 -8.74
N LYS B 84 3.52 -22.90 -9.10
CA LYS B 84 3.65 -24.01 -10.06
C LYS B 84 4.17 -23.50 -11.40
N ILE B 85 3.56 -22.43 -11.89
CA ILE B 85 3.96 -21.80 -13.14
C ILE B 85 5.41 -21.31 -13.04
N GLY B 86 5.76 -20.79 -11.86
CA GLY B 86 7.12 -20.35 -11.61
C GLY B 86 8.12 -21.47 -11.73
N ASP B 87 7.75 -22.65 -11.25
CA ASP B 87 8.60 -23.84 -11.38
C ASP B 87 8.81 -24.17 -12.86
N TYR B 88 7.74 -24.16 -13.63
CA TYR B 88 7.82 -24.44 -15.06
C TYR B 88 8.73 -23.45 -15.78
N ASN B 89 8.68 -22.19 -15.36
CA ASN B 89 9.55 -21.16 -15.94
C ASN B 89 11.02 -21.40 -15.61
N LYS B 90 11.28 -21.93 -14.43
CA LYS B 90 12.64 -22.27 -14.02
C LYS B 90 13.22 -23.34 -14.94
N LYS B 91 12.41 -24.35 -15.25
CA LYS B 91 12.85 -25.43 -16.14
C LYS B 91 13.12 -24.91 -17.54
N VAL B 92 12.34 -23.92 -17.97
CA VAL B 92 12.53 -23.32 -19.28
C VAL B 92 13.81 -22.49 -19.31
N PHE B 93 14.04 -21.74 -18.23
CA PHE B 93 15.24 -20.93 -18.10
C PHE B 93 16.49 -21.80 -18.11
N GLU B 94 16.38 -22.98 -17.51
CA GLU B 94 17.47 -23.95 -17.52
C GLU B 94 17.71 -24.47 -18.94
N ALA B 95 16.61 -24.72 -19.66
CA ALA B 95 16.69 -25.23 -21.03
C ALA B 95 17.31 -24.20 -21.98
N MET B 96 17.30 -22.94 -21.56
CA MET B 96 17.90 -21.86 -22.35
C MET B 96 19.41 -21.84 -22.23
N GLY B 97 19.95 -22.69 -21.36
CA GLY B 97 21.38 -22.77 -21.15
C GLY B 97 21.87 -21.77 -20.12
N LEU B 98 21.00 -21.45 -19.16
CA LEU B 98 21.35 -20.52 -18.09
C LEU B 98 21.33 -21.20 -16.73
N LYS B 99 22.52 -21.40 -16.16
CA LYS B 99 22.63 -21.97 -14.82
C LYS B 99 22.82 -20.84 -13.81
N ALA B 100 21.85 -20.67 -12.93
CA ALA B 100 21.87 -19.57 -11.97
C ALA B 100 21.09 -19.93 -10.71
N LYS B 101 21.06 -19.01 -9.75
CA LYS B 101 20.30 -19.21 -8.53
C LYS B 101 18.88 -18.70 -8.69
N TYR B 102 17.91 -19.59 -8.51
CA TYR B 102 16.51 -19.25 -8.67
C TYR B 102 15.82 -19.06 -7.32
N VAL B 103 15.32 -17.85 -7.08
CA VAL B 103 14.69 -17.53 -5.80
C VAL B 103 13.23 -17.11 -5.99
N TYR B 104 12.33 -17.78 -5.28
CA TYR B 104 10.92 -17.46 -5.31
C TYR B 104 10.62 -16.31 -4.35
N GLY B 105 9.47 -15.67 -4.52
CA GLY B 105 9.09 -14.57 -3.66
C GLY B 105 8.43 -15.07 -2.39
N SER B 106 7.79 -16.24 -2.48
CA SER B 106 7.07 -16.81 -1.36
C SER B 106 7.99 -17.57 -0.39
N GLU B 107 9.17 -17.98 -0.86
CA GLU B 107 10.13 -18.65 0.01
C GLU B 107 10.87 -17.63 0.89
N ASN B 108 11.21 -16.49 0.31
CA ASN B 108 11.84 -15.42 1.06
C ASN B 108 10.83 -14.86 2.05
N CYS B 109 10.99 -15.27 3.31
CA CYS B 109 10.05 -14.91 4.37
C CYS B 109 9.89 -13.41 4.55
N LEU B 110 8.74 -13.04 5.09
CA LEU B 110 8.41 -11.64 5.34
C LEU B 110 8.60 -11.31 6.82
N ASP B 111 9.85 -11.31 7.26
CA ASP B 111 10.18 -11.04 8.66
C ASP B 111 9.86 -9.60 9.02
N LYS B 112 9.96 -9.28 10.32
CA LYS B 112 9.55 -7.97 10.82
C LYS B 112 10.33 -6.83 10.15
N ASP B 113 11.62 -7.04 9.96
CA ASP B 113 12.49 -6.04 9.37
C ASP B 113 12.15 -5.77 7.90
N TYR B 114 11.69 -6.79 7.20
CA TYR B 114 11.30 -6.65 5.80
C TYR B 114 10.08 -5.74 5.68
N THR B 115 9.01 -6.09 6.39
CA THR B 115 7.78 -5.32 6.37
C THR B 115 8.00 -3.92 6.92
N LEU B 116 8.91 -3.80 7.89
CA LEU B 116 9.22 -2.51 8.50
C LEU B 116 9.87 -1.59 7.47
N ASN B 117 10.75 -2.16 6.64
CA ASN B 117 11.40 -1.40 5.59
C ASN B 117 10.42 -1.05 4.48
N VAL B 118 9.42 -1.91 4.28
CA VAL B 118 8.35 -1.64 3.34
C VAL B 118 7.57 -0.41 3.77
N TYR B 119 7.30 -0.33 5.07
CA TYR B 119 6.58 0.80 5.65
C TYR B 119 7.34 2.10 5.45
N ARG B 120 8.66 2.05 5.66
CA ARG B 120 9.49 3.24 5.51
C ARG B 120 9.62 3.65 4.05
N LEU B 121 9.62 2.67 3.15
CA LEU B 121 9.65 2.93 1.72
C LEU B 121 8.32 3.51 1.26
N ALA B 122 7.24 3.04 1.87
CA ALA B 122 5.91 3.54 1.57
C ALA B 122 5.73 4.94 2.14
N LEU B 123 6.54 5.25 3.16
CA LEU B 123 6.47 6.53 3.84
C LEU B 123 7.24 7.60 3.04
N LYS B 124 8.05 7.15 2.09
CA LYS B 124 8.86 8.06 1.29
C LYS B 124 8.48 8.00 -0.20
N THR B 125 7.43 7.24 -0.50
CA THR B 125 6.96 7.12 -1.88
C THR B 125 5.53 7.62 -2.01
N THR B 126 5.33 8.61 -2.88
CA THR B 126 3.99 9.15 -3.09
C THR B 126 3.14 8.17 -3.88
N LEU B 127 1.82 8.28 -3.72
CA LEU B 127 0.89 7.42 -4.45
C LEU B 127 0.98 7.66 -5.95
N LYS B 128 1.22 8.92 -6.33
CA LYS B 128 1.29 9.28 -7.74
C LYS B 128 2.56 8.73 -8.40
N ARG B 129 3.66 8.74 -7.66
CA ARG B 129 4.91 8.18 -8.15
C ARG B 129 4.79 6.67 -8.32
N ALA B 130 4.16 6.03 -7.34
CA ALA B 130 4.01 4.57 -7.35
C ALA B 130 3.13 4.10 -8.50
N ARG B 131 2.06 4.82 -8.78
CA ARG B 131 1.15 4.45 -9.85
C ARG B 131 1.76 4.65 -11.23
N ARG B 132 2.53 5.72 -11.40
CA ARG B 132 3.19 6.01 -12.66
C ARG B 132 4.21 4.92 -13.00
N SER B 133 4.80 4.34 -11.97
CA SER B 133 5.79 3.28 -12.16
C SER B 133 5.13 1.97 -12.55
N MET B 134 3.84 1.86 -12.25
CA MET B 134 3.09 0.63 -12.53
C MET B 134 2.30 0.70 -13.83
N GLU B 135 2.41 1.83 -14.53
CA GLU B 135 1.64 2.06 -15.75
C GLU B 135 1.87 1.00 -16.82
N LEU B 136 3.11 0.52 -16.95
CA LEU B 136 3.44 -0.45 -17.98
C LEU B 136 3.56 -1.87 -17.42
N ILE B 137 3.16 -2.03 -16.16
CA ILE B 137 3.29 -3.32 -15.48
C ILE B 137 1.97 -3.83 -14.94
N ALA B 138 1.24 -2.96 -14.24
CA ALA B 138 -0.02 -3.31 -13.59
C ALA B 138 -1.08 -3.84 -14.56
N ARG B 139 -1.77 -4.90 -14.14
CA ARG B 139 -2.90 -5.44 -14.90
C ARG B 139 -3.95 -4.36 -15.10
N GLU B 140 -4.51 -4.29 -16.31
CA GLU B 140 -5.56 -3.32 -16.61
C GLU B 140 -6.75 -3.50 -15.68
N ASP B 141 -7.15 -2.41 -15.03
CA ASP B 141 -8.25 -2.47 -14.07
C ASP B 141 -8.95 -1.12 -13.98
N GLU B 142 -10.26 -1.13 -14.15
CA GLU B 142 -11.06 0.08 -14.00
C GLU B 142 -11.06 0.55 -12.55
N ASN B 143 -10.78 -0.37 -11.65
CA ASN B 143 -10.75 -0.07 -10.22
C ASN B 143 -9.45 -0.54 -9.58
N PRO B 144 -8.39 0.27 -9.69
CA PRO B 144 -7.05 -0.05 -9.14
C PRO B 144 -7.09 -0.36 -7.65
N LYS B 145 -6.38 -1.41 -7.24
CA LYS B 145 -6.38 -1.84 -5.86
C LYS B 145 -5.20 -1.25 -5.08
N VAL B 146 -5.24 -1.40 -3.76
CA VAL B 146 -4.15 -0.95 -2.90
C VAL B 146 -2.91 -1.81 -3.14
N ALA B 147 -3.14 -3.05 -3.57
CA ALA B 147 -2.06 -3.98 -3.87
C ALA B 147 -1.17 -3.48 -5.01
N GLU B 148 -1.74 -2.62 -5.86
CA GLU B 148 -1.00 -2.09 -7.01
C GLU B 148 0.15 -1.19 -6.58
N VAL B 149 0.00 -0.48 -5.47
CA VAL B 149 1.03 0.42 -5.00
C VAL B 149 1.94 -0.22 -3.94
N ILE B 150 1.59 -1.44 -3.54
CA ILE B 150 2.46 -2.23 -2.66
C ILE B 150 3.45 -2.98 -3.53
N TYR B 151 3.05 -3.26 -4.75
CA TYR B 151 3.90 -3.91 -5.76
C TYR B 151 5.26 -3.22 -5.97
N PRO B 152 5.26 -1.91 -6.32
CA PRO B 152 6.55 -1.32 -6.68
C PRO B 152 7.49 -1.12 -5.50
N ILE B 153 6.95 -0.81 -4.33
CA ILE B 153 7.79 -0.60 -3.15
C ILE B 153 8.39 -1.91 -2.66
N MET B 154 7.74 -3.03 -2.98
CA MET B 154 8.27 -4.35 -2.66
C MET B 154 9.42 -4.70 -3.59
N GLN B 155 9.27 -4.36 -4.87
CA GLN B 155 10.32 -4.60 -5.85
C GLN B 155 11.56 -3.79 -5.50
N VAL B 156 11.36 -2.60 -4.96
CA VAL B 156 12.46 -1.77 -4.49
C VAL B 156 13.11 -2.40 -3.26
N ASN B 157 12.27 -2.85 -2.33
CA ASN B 157 12.76 -3.48 -1.11
C ASN B 157 13.51 -4.77 -1.40
N ASN B 158 13.08 -5.48 -2.45
CA ASN B 158 13.72 -6.72 -2.87
C ASN B 158 15.12 -6.47 -3.42
N ILE B 159 15.28 -5.35 -4.14
CA ILE B 159 16.58 -4.97 -4.68
C ILE B 159 17.54 -4.65 -3.54
N HIS B 160 17.00 -4.02 -2.49
CA HIS B 160 17.80 -3.66 -1.32
C HIS B 160 18.28 -4.89 -0.56
N TYR B 161 17.37 -5.83 -0.30
CA TYR B 161 17.68 -7.00 0.49
C TYR B 161 18.55 -8.02 -0.24
N SER B 162 18.47 -8.00 -1.57
CA SER B 162 19.28 -8.91 -2.38
C SER B 162 20.74 -8.48 -2.36
N GLY B 163 20.97 -7.19 -2.21
CA GLY B 163 22.31 -6.64 -2.13
C GLY B 163 23.08 -6.75 -3.44
N VAL B 164 22.35 -6.96 -4.53
CA VAL B 164 22.96 -7.11 -5.84
C VAL B 164 23.53 -5.78 -6.34
N ASP B 165 24.46 -5.86 -7.29
CA ASP B 165 25.11 -4.66 -7.82
C ASP B 165 24.38 -4.15 -9.05
N VAL B 166 23.81 -5.05 -9.83
CA VAL B 166 23.14 -4.70 -11.07
C VAL B 166 21.72 -5.26 -11.15
N ALA B 167 20.76 -4.41 -11.49
CA ALA B 167 19.38 -4.83 -11.69
C ALA B 167 19.05 -4.84 -13.18
N VAL B 168 18.42 -5.92 -13.64
CA VAL B 168 18.09 -6.07 -15.05
C VAL B 168 16.58 -6.26 -15.25
N GLY B 169 16.06 -5.69 -16.32
CA GLY B 169 14.65 -5.85 -16.67
C GLY B 169 14.33 -5.10 -17.95
N GLY B 170 13.07 -5.17 -18.37
CA GLY B 170 12.63 -4.45 -19.55
C GLY B 170 12.49 -2.97 -19.24
N MET B 171 12.20 -2.17 -20.26
CA MET B 171 12.04 -0.74 -20.09
C MET B 171 10.81 -0.39 -19.24
N GLU B 172 9.92 -1.36 -19.07
CA GLU B 172 8.71 -1.15 -18.27
C GLU B 172 9.03 -1.11 -16.78
N GLN B 173 10.26 -1.49 -16.43
CA GLN B 173 10.66 -1.57 -15.03
C GLN B 173 11.49 -0.36 -14.61
N ARG B 174 11.70 0.56 -15.55
CA ARG B 174 12.63 1.67 -15.31
C ARG B 174 12.17 2.62 -14.20
N LYS B 175 10.89 2.95 -14.16
CA LYS B 175 10.37 3.88 -13.17
C LYS B 175 10.45 3.33 -11.75
N ILE B 176 10.34 2.00 -11.63
CA ILE B 176 10.51 1.36 -10.33
C ILE B 176 11.98 1.34 -9.94
N HIS B 177 12.83 1.06 -10.93
CA HIS B 177 14.27 0.97 -10.70
C HIS B 177 14.90 2.32 -10.37
N MET B 178 14.41 3.38 -11.02
CA MET B 178 14.90 4.72 -10.73
C MET B 178 14.39 5.18 -9.37
N LEU B 179 13.23 4.67 -8.97
CA LEU B 179 12.70 4.94 -7.64
C LEU B 179 13.54 4.19 -6.62
N ALA B 180 14.04 3.03 -7.01
CA ALA B 180 14.91 2.24 -6.16
C ALA B 180 16.29 2.88 -6.04
N ARG B 181 16.72 3.54 -7.11
CA ARG B 181 18.01 4.22 -7.11
C ARG B 181 17.98 5.48 -6.26
N GLU B 182 16.78 5.97 -5.96
CA GLU B 182 16.62 7.22 -5.23
C GLU B 182 16.49 7.00 -3.73
N LEU B 183 15.82 5.92 -3.33
CA LEU B 183 15.51 5.69 -1.93
C LEU B 183 16.52 4.79 -1.21
N LEU B 184 17.13 3.87 -1.95
CA LEU B 184 18.03 2.88 -1.34
C LEU B 184 19.43 3.42 -1.09
N PRO B 185 20.04 3.00 0.03
CA PRO B 185 21.41 3.40 0.40
C PRO B 185 22.42 3.03 -0.68
N LYS B 186 22.33 1.80 -1.17
CA LYS B 186 23.22 1.34 -2.23
C LYS B 186 22.55 1.53 -3.60
N LYS B 187 23.18 2.35 -4.44
CA LYS B 187 22.65 2.63 -5.76
C LYS B 187 23.01 1.52 -6.74
N VAL B 188 22.01 0.77 -7.19
CA VAL B 188 22.23 -0.32 -8.14
C VAL B 188 22.30 0.20 -9.57
N VAL B 189 23.09 -0.48 -10.39
CA VAL B 189 23.19 -0.14 -11.80
C VAL B 189 22.07 -0.83 -12.57
N CYS B 190 21.31 -0.07 -13.33
CA CYS B 190 20.14 -0.61 -14.02
C CYS B 190 20.40 -0.83 -15.51
N ILE B 191 20.29 -2.08 -15.95
CA ILE B 191 20.40 -2.40 -17.37
C ILE B 191 19.03 -2.75 -17.92
N HIS B 192 18.50 -1.87 -18.77
CA HIS B 192 17.16 -2.06 -19.31
C HIS B 192 17.17 -2.51 -20.77
N ASN B 193 16.42 -3.57 -21.05
CA ASN B 193 16.32 -4.13 -22.39
C ASN B 193 15.10 -3.61 -23.13
N PRO B 194 15.17 -3.54 -24.47
CA PRO B 194 14.07 -3.03 -25.29
C PRO B 194 12.80 -3.87 -25.16
N VAL B 195 11.65 -3.23 -25.38
CA VAL B 195 10.37 -3.91 -25.32
C VAL B 195 9.97 -4.40 -26.71
N LEU B 196 9.87 -5.73 -26.87
CA LEU B 196 9.54 -6.31 -28.17
C LEU B 196 8.09 -6.04 -28.57
N THR B 197 7.92 -5.61 -29.82
CA THR B 197 6.59 -5.36 -30.37
C THR B 197 5.91 -6.70 -30.68
N GLY B 198 4.62 -6.79 -30.39
CA GLY B 198 3.85 -7.98 -30.66
C GLY B 198 3.76 -8.28 -32.16
N LEU B 199 3.28 -9.47 -32.49
CA LEU B 199 3.20 -9.90 -33.88
C LEU B 199 2.18 -9.09 -34.68
N ASP B 200 1.16 -8.58 -34.01
CA ASP B 200 0.12 -7.81 -34.68
C ASP B 200 0.51 -6.34 -34.81
N GLY B 201 1.69 -6.00 -34.32
CA GLY B 201 2.19 -4.64 -34.40
C GLY B 201 1.50 -3.69 -33.46
N GLU B 202 0.71 -4.24 -32.53
CA GLU B 202 -0.02 -3.43 -31.57
C GLU B 202 0.32 -3.86 -30.14
N GLY B 203 0.84 -2.93 -29.36
CA GLY B 203 1.19 -3.21 -27.98
C GLY B 203 2.42 -4.07 -27.85
N LYS B 204 2.86 -4.31 -26.62
CA LYS B 204 4.05 -5.12 -26.37
C LYS B 204 3.75 -6.61 -26.48
N MET B 205 4.79 -7.39 -26.69
CA MET B 205 4.65 -8.85 -26.75
C MET B 205 4.47 -9.42 -25.35
N SER B 206 3.24 -9.83 -25.04
CA SER B 206 2.93 -10.38 -23.73
C SER B 206 2.27 -11.75 -23.85
N SER B 207 2.23 -12.47 -22.74
CA SER B 207 1.61 -13.80 -22.71
C SER B 207 0.10 -13.69 -22.66
N SER B 208 -0.40 -12.53 -22.28
CA SER B 208 -1.83 -12.31 -22.10
C SER B 208 -2.47 -11.65 -23.33
N LYS B 209 -1.65 -11.26 -24.29
CA LYS B 209 -2.16 -10.59 -25.49
C LYS B 209 -2.18 -11.51 -26.72
N GLY B 210 -1.55 -12.67 -26.60
CA GLY B 210 -1.56 -13.65 -27.66
C GLY B 210 -0.83 -13.20 -28.92
N ASN B 211 0.11 -12.29 -28.75
CA ASN B 211 0.93 -11.81 -29.87
C ASN B 211 2.38 -12.20 -29.69
N PHE B 212 2.61 -13.41 -29.19
CA PHE B 212 3.94 -13.86 -28.82
C PHE B 212 4.38 -15.10 -29.59
N ILE B 213 5.68 -15.39 -29.52
CA ILE B 213 6.23 -16.63 -30.03
C ILE B 213 6.96 -17.35 -28.91
N ALA B 214 6.31 -18.37 -28.34
CA ALA B 214 6.90 -19.12 -27.24
C ALA B 214 8.13 -19.89 -27.69
N VAL B 215 9.11 -20.02 -26.79
CA VAL B 215 10.36 -20.68 -27.11
C VAL B 215 10.19 -22.17 -27.35
N ASP B 216 9.05 -22.71 -26.94
CA ASP B 216 8.78 -24.14 -27.11
C ASP B 216 7.69 -24.38 -28.16
N ASP B 217 7.37 -23.35 -28.93
CA ASP B 217 6.40 -23.48 -30.02
C ASP B 217 6.93 -24.41 -31.10
N SER B 218 6.01 -25.15 -31.73
CA SER B 218 6.38 -26.05 -32.81
C SER B 218 6.79 -25.24 -34.04
N PRO B 219 7.69 -25.81 -34.87
CA PRO B 219 8.15 -25.17 -36.10
C PRO B 219 7.00 -24.72 -37.01
N GLU B 220 5.94 -25.51 -37.08
CA GLU B 220 4.78 -25.16 -37.90
C GLU B 220 4.06 -23.95 -37.30
N GLU B 221 4.04 -23.89 -35.98
CA GLU B 221 3.39 -22.79 -35.27
C GLU B 221 4.18 -21.50 -35.45
N ILE B 222 5.51 -21.62 -35.41
CA ILE B 222 6.39 -20.47 -35.59
C ILE B 222 6.25 -19.89 -36.99
N ARG B 223 6.27 -20.77 -37.99
CA ARG B 223 6.11 -20.35 -39.39
C ARG B 223 4.79 -19.63 -39.61
N ALA B 224 3.74 -20.13 -38.99
CA ALA B 224 2.41 -19.54 -39.14
C ALA B 224 2.32 -18.17 -38.46
N LYS B 225 2.88 -18.06 -37.26
CA LYS B 225 2.86 -16.80 -36.52
C LYS B 225 3.68 -15.72 -37.24
N ILE B 226 4.86 -16.10 -37.73
CA ILE B 226 5.71 -15.18 -38.47
C ILE B 226 5.02 -14.73 -39.77
N LYS B 227 4.36 -15.68 -40.43
CA LYS B 227 3.70 -15.43 -41.70
C LYS B 227 2.60 -14.38 -41.60
N LYS B 228 1.81 -14.45 -40.53
CA LYS B 228 0.68 -13.55 -40.35
C LYS B 228 1.09 -12.28 -39.58
N ALA B 229 2.36 -12.19 -39.24
CA ALA B 229 2.86 -11.09 -38.43
C ALA B 229 2.87 -9.76 -39.20
N TYR B 230 2.68 -8.67 -38.46
CA TYR B 230 2.72 -7.32 -39.01
C TYR B 230 4.12 -7.00 -39.52
N CYS B 231 4.24 -6.76 -40.83
CA CYS B 231 5.53 -6.46 -41.43
C CYS B 231 5.39 -5.72 -42.74
N PRO B 232 5.10 -4.41 -42.68
CA PRO B 232 4.97 -3.60 -43.89
C PRO B 232 6.33 -3.34 -44.55
N ALA B 233 6.34 -3.27 -45.87
CA ALA B 233 7.58 -3.07 -46.61
C ALA B 233 8.14 -1.66 -46.40
N GLY B 234 9.42 -1.59 -46.03
CA GLY B 234 10.10 -0.32 -45.85
C GLY B 234 10.11 0.18 -44.42
N VAL B 235 9.13 -0.27 -43.63
CA VAL B 235 9.02 0.18 -42.24
C VAL B 235 9.77 -0.74 -41.29
N VAL B 236 10.79 -0.17 -40.62
CA VAL B 236 11.58 -0.93 -39.67
C VAL B 236 11.05 -0.75 -38.24
N GLU B 237 10.65 0.48 -37.93
CA GLU B 237 10.10 0.80 -36.63
C GLU B 237 8.75 0.13 -36.40
N GLY B 238 8.58 -0.50 -35.24
CA GLY B 238 7.35 -1.18 -34.89
C GLY B 238 7.16 -2.47 -35.66
N ASN B 239 8.23 -2.95 -36.28
CA ASN B 239 8.19 -4.19 -37.05
C ASN B 239 8.79 -5.34 -36.25
N PRO B 240 7.93 -6.26 -35.77
CA PRO B 240 8.35 -7.40 -34.95
C PRO B 240 9.33 -8.31 -35.68
N ILE B 241 9.11 -8.51 -36.97
CA ILE B 241 9.99 -9.36 -37.77
C ILE B 241 11.41 -8.80 -37.82
N MET B 242 11.50 -7.47 -37.97
CA MET B 242 12.80 -6.80 -37.97
C MET B 242 13.43 -6.85 -36.58
N GLU B 243 12.59 -6.79 -35.55
CA GLU B 243 13.07 -6.85 -34.17
C GLU B 243 13.66 -8.22 -33.86
N ILE B 244 12.96 -9.27 -34.27
CA ILE B 244 13.43 -10.65 -34.05
C ILE B 244 14.77 -10.88 -34.74
N ALA B 245 14.88 -10.38 -35.97
CA ALA B 245 16.11 -10.52 -36.75
C ALA B 245 17.26 -9.72 -36.14
N LYS B 246 16.90 -8.67 -35.38
CA LYS B 246 17.89 -7.79 -34.78
C LYS B 246 18.44 -8.35 -33.46
N TYR B 247 17.56 -8.90 -32.65
CA TYR B 247 17.93 -9.32 -31.30
C TYR B 247 18.25 -10.81 -31.17
N PHE B 248 17.82 -11.60 -32.15
CA PHE B 248 17.97 -13.05 -32.06
C PHE B 248 18.82 -13.69 -33.16
N LEU B 249 18.61 -13.24 -34.40
CA LEU B 249 19.29 -13.83 -35.55
C LEU B 249 20.81 -13.67 -35.50
N GLU B 250 21.51 -14.71 -35.96
CA GLU B 250 22.96 -14.73 -35.95
C GLU B 250 23.53 -14.41 -37.32
N TYR B 251 24.51 -13.52 -37.37
CA TYR B 251 25.09 -13.04 -38.63
C TYR B 251 26.51 -13.57 -38.82
N PRO B 252 26.97 -13.68 -40.09
CA PRO B 252 26.31 -13.36 -41.36
C PRO B 252 25.12 -14.27 -41.68
N LEU B 253 24.04 -13.67 -42.19
CA LEU B 253 22.81 -14.39 -42.47
C LEU B 253 22.56 -14.54 -43.96
N THR B 254 22.15 -15.73 -44.38
CA THR B 254 21.81 -15.97 -45.79
C THR B 254 20.30 -16.13 -45.95
N ILE B 255 19.70 -15.22 -46.71
CA ILE B 255 18.27 -15.27 -46.98
C ILE B 255 18.00 -16.01 -48.28
N LYS B 256 17.31 -17.14 -48.19
CA LYS B 256 17.01 -17.96 -49.36
C LYS B 256 15.79 -17.47 -50.12
N ARG B 257 15.98 -17.17 -51.41
CA ARG B 257 14.90 -16.74 -52.28
C ARG B 257 15.01 -17.49 -53.60
N PRO B 258 13.88 -17.70 -54.28
CA PRO B 258 13.90 -18.31 -55.61
C PRO B 258 14.62 -17.40 -56.60
N GLU B 259 15.15 -17.96 -57.68
CA GLU B 259 15.86 -17.19 -58.69
C GLU B 259 14.93 -16.20 -59.39
N LYS B 260 13.64 -16.53 -59.41
CA LYS B 260 12.63 -15.67 -60.03
C LYS B 260 12.41 -14.39 -59.23
N PHE B 261 12.82 -14.42 -57.97
CA PHE B 261 12.63 -13.28 -57.08
C PHE B 261 13.94 -12.64 -56.63
N GLY B 262 15.04 -13.07 -57.25
CA GLY B 262 16.34 -12.48 -56.97
C GLY B 262 17.38 -13.46 -56.49
N GLY B 263 16.96 -14.68 -56.21
CA GLY B 263 17.87 -15.71 -55.73
C GLY B 263 18.30 -15.49 -54.29
N ASP B 264 19.11 -16.40 -53.76
CA ASP B 264 19.55 -16.33 -52.38
C ASP B 264 20.37 -15.07 -52.09
N LEU B 265 20.14 -14.47 -50.93
CA LEU B 265 20.80 -13.24 -50.54
C LEU B 265 21.54 -13.40 -49.22
N THR B 266 22.76 -12.90 -49.16
CA THR B 266 23.59 -13.04 -47.96
C THR B 266 23.95 -11.69 -47.35
N VAL B 267 23.46 -11.45 -46.14
CA VAL B 267 23.81 -10.23 -45.42
C VAL B 267 24.87 -10.52 -44.36
N ASN B 268 25.65 -9.50 -44.00
CA ASN B 268 26.73 -9.67 -43.04
C ASN B 268 26.41 -9.06 -41.67
N SER B 269 25.46 -8.12 -41.65
CA SER B 269 25.05 -7.48 -40.41
C SER B 269 23.58 -7.10 -40.47
N TYR B 270 23.01 -6.74 -39.32
CA TYR B 270 21.63 -6.30 -39.26
C TYR B 270 21.46 -4.97 -39.99
N GLU B 271 22.51 -4.15 -39.97
CA GLU B 271 22.47 -2.85 -40.61
C GLU B 271 22.26 -2.96 -42.12
N GLU B 272 22.87 -3.98 -42.73
CA GLU B 272 22.70 -4.24 -44.15
C GLU B 272 21.31 -4.80 -44.42
N LEU B 273 20.83 -5.65 -43.51
CA LEU B 273 19.49 -6.18 -43.59
C LEU B 273 18.46 -5.06 -43.43
N GLU B 274 18.79 -4.10 -42.58
CA GLU B 274 17.92 -2.95 -42.33
C GLU B 274 17.88 -2.05 -43.57
N SER B 275 19.04 -1.83 -44.18
CA SER B 275 19.15 -0.98 -45.35
C SER B 275 18.42 -1.61 -46.55
N LEU B 276 18.59 -2.91 -46.71
CA LEU B 276 17.93 -3.64 -47.80
C LEU B 276 16.41 -3.61 -47.65
N PHE B 277 15.95 -3.62 -46.40
CA PHE B 277 14.51 -3.63 -46.12
C PHE B 277 13.92 -2.24 -46.26
N LYS B 278 14.70 -1.21 -45.93
CA LYS B 278 14.26 0.17 -46.04
C LYS B 278 14.02 0.56 -47.49
N ASN B 279 14.94 0.18 -48.36
CA ASN B 279 14.86 0.53 -49.77
C ASN B 279 13.99 -0.44 -50.56
N LYS B 280 13.26 -1.29 -49.85
CA LYS B 280 12.34 -2.26 -50.44
C LYS B 280 13.01 -3.20 -51.46
N GLU B 281 14.30 -3.47 -51.23
CA GLU B 281 15.02 -4.42 -52.07
C GLU B 281 14.73 -5.83 -51.61
N LEU B 282 14.26 -5.95 -50.36
CA LEU B 282 13.89 -7.24 -49.80
C LEU B 282 12.40 -7.28 -49.46
N HIS B 283 11.70 -8.24 -50.03
CA HIS B 283 10.27 -8.39 -49.80
C HIS B 283 10.03 -8.98 -48.40
N PRO B 284 8.99 -8.48 -47.71
CA PRO B 284 8.61 -8.94 -46.37
C PRO B 284 8.44 -10.47 -46.28
N MET B 285 7.91 -11.07 -47.34
CA MET B 285 7.68 -12.52 -47.36
C MET B 285 8.99 -13.29 -47.23
N ASP B 286 10.00 -12.86 -47.99
CA ASP B 286 11.31 -13.50 -47.95
C ASP B 286 11.98 -13.27 -46.60
N LEU B 287 11.73 -12.09 -46.02
CA LEU B 287 12.24 -11.77 -44.70
C LEU B 287 11.61 -12.72 -43.68
N LYS B 288 10.30 -12.88 -43.79
CA LYS B 288 9.56 -13.76 -42.88
C LYS B 288 10.05 -15.20 -42.95
N ASN B 289 10.23 -15.70 -44.16
CA ASN B 289 10.72 -17.06 -44.35
C ASN B 289 12.13 -17.24 -43.77
N ALA B 290 12.96 -16.21 -43.92
CA ALA B 290 14.31 -16.24 -43.38
C ALA B 290 14.28 -16.26 -41.86
N VAL B 291 13.60 -15.29 -41.27
CA VAL B 291 13.49 -15.17 -39.82
C VAL B 291 12.90 -16.42 -39.18
N ALA B 292 11.87 -16.97 -39.82
CA ALA B 292 11.19 -18.15 -39.31
C ALA B 292 12.12 -19.35 -39.19
N GLU B 293 12.79 -19.68 -40.30
CA GLU B 293 13.68 -20.84 -40.33
C GLU B 293 14.85 -20.72 -39.34
N GLU B 294 15.38 -19.50 -39.22
CA GLU B 294 16.49 -19.27 -38.29
C GLU B 294 16.02 -19.36 -36.84
N LEU B 295 14.86 -18.78 -36.56
CA LEU B 295 14.28 -18.82 -35.22
C LEU B 295 14.00 -20.26 -34.81
N ILE B 296 13.58 -21.08 -35.76
CA ILE B 296 13.32 -22.49 -35.52
C ILE B 296 14.61 -23.20 -35.11
N LYS B 297 15.70 -22.91 -35.82
CA LYS B 297 17.00 -23.48 -35.50
C LYS B 297 17.44 -23.07 -34.09
N ILE B 298 17.30 -21.79 -33.78
CA ILE B 298 17.72 -21.24 -32.50
C ILE B 298 16.93 -21.83 -31.33
N LEU B 299 15.61 -21.90 -31.49
CA LEU B 299 14.74 -22.37 -30.41
C LEU B 299 14.68 -23.89 -30.32
N GLU B 300 15.21 -24.58 -31.32
CA GLU B 300 15.14 -26.04 -31.38
C GLU B 300 15.78 -26.77 -30.17
N PRO B 301 17.02 -26.39 -29.78
CA PRO B 301 17.59 -27.08 -28.61
C PRO B 301 16.79 -26.85 -27.34
N ILE B 302 16.16 -25.68 -27.23
CA ILE B 302 15.34 -25.35 -26.08
C ILE B 302 14.09 -26.23 -26.04
N ARG B 303 13.43 -26.34 -27.20
CA ARG B 303 12.22 -27.15 -27.32
C ARG B 303 12.51 -28.62 -27.06
N LYS B 304 13.63 -29.11 -27.57
CA LYS B 304 14.02 -30.50 -27.40
C LYS B 304 14.29 -30.87 -25.94
N ARG B 305 14.92 -29.96 -25.21
CA ARG B 305 15.25 -30.19 -23.81
C ARG B 305 14.02 -30.18 -22.91
N LEU B 306 12.91 -29.68 -23.44
CA LEU B 306 11.65 -29.70 -22.71
C LEU B 306 10.82 -30.91 -23.09
OXT F2Y C . -6.35 6.82 15.85
C F2Y C . -6.90 6.45 14.79
O F2Y C . -7.37 7.20 13.91
CA F2Y C . -7.04 4.94 14.58
N F2Y C . -7.27 4.68 13.14
CB F2Y C . -5.77 4.25 15.07
CG F2Y C . -5.87 2.88 14.88
CD1 F2Y C . -5.05 2.24 13.95
CE1 F2Y C . -5.15 0.85 13.77
F1 F2Y C . -4.37 0.21 12.87
CD2 F2Y C . -6.78 2.15 15.63
CE2 F2Y C . -6.89 0.77 15.47
F2 F2Y C . -7.78 0.05 16.21
CZ F2Y C . -6.07 0.15 14.54
OH F2Y C . -6.17 -1.19 14.37
OXT F2Y D . 6.98 -6.98 -14.05
C F2Y D . 7.74 -7.91 -13.71
O F2Y D . 7.81 -9.04 -14.24
CA F2Y D . 8.69 -7.63 -12.53
N F2Y D . 8.49 -6.25 -12.07
CB F2Y D . 8.41 -8.64 -11.41
CG F2Y D . 9.26 -8.40 -10.33
CD1 F2Y D . 8.73 -8.16 -9.07
CE1 F2Y D . 9.59 -7.93 -8.00
F1 F2Y D . 9.09 -7.70 -6.75
CD2 F2Y D . 10.63 -8.40 -10.54
CE2 F2Y D . 11.50 -8.18 -9.47
F2 F2Y D . 12.85 -8.19 -9.66
CZ F2Y D . 10.95 -7.94 -8.22
OH F2Y D . 11.79 -7.72 -7.17
#